data_3N5O
#
_entry.id   3N5O
#
_cell.length_a   49.610
_cell.length_b   110.930
_cell.length_c   168.490
_cell.angle_alpha   90.00
_cell.angle_beta   90.00
_cell.angle_gamma   90.00
#
_symmetry.space_group_name_H-M   'C 2 2 21'
#
loop_
_entity.id
_entity.type
_entity.pdbx_description
1 polymer 'glutathione transferase'
2 non-polymer GLUTATHIONE
3 non-polymer 'SULFATE ION'
4 water water
#
_entity_poly.entity_id   1
_entity_poly.type   'polypeptide(L)'
_entity_poly.pdbx_seq_one_letter_code
;GPGSMTTPNFELYGYFRSSCSGRLRIAFHLKSIPYTRHPVNLLKGEQHSDTYKSLNPTNTVPLLVVSNINNTVSPSSASF
SIGQSLAALEYLEEALPTNARPLLPPISNPVARAHVRTICNIIACDVQPVTNLKIQKKVKALDGDPTVWSRDLATQGFGA
VEKLLELSAGRFCVGDEITLADVCLVPAVWAAERVGMDLARFPITKRVFEEMLKEEAVQKAHWQKQEDTPEDLRA
;
_entity_poly.pdbx_strand_id   A,B
#
loop_
_chem_comp.id
_chem_comp.type
_chem_comp.name
_chem_comp.formula
GSH non-polymer GLUTATHIONE 'C10 H17 N3 O6 S'
SO4 non-polymer 'SULFATE ION' 'O4 S -2'
#
# COMPACT_ATOMS: atom_id res chain seq x y z
N THR A 7 -6.23 -26.61 3.66
CA THR A 7 -5.90 -25.48 2.71
C THR A 7 -7.13 -24.57 2.50
N PRO A 8 -6.91 -23.24 2.47
CA PRO A 8 -7.99 -22.26 2.33
C PRO A 8 -8.70 -22.33 1.00
N ASN A 9 -9.95 -21.89 0.97
CA ASN A 9 -10.66 -21.66 -0.28
C ASN A 9 -10.82 -20.14 -0.53
N PHE A 10 -10.81 -19.75 -1.80
CA PHE A 10 -10.71 -18.35 -2.23
C PHE A 10 -11.81 -17.97 -3.19
N GLU A 11 -12.47 -16.85 -2.90
CA GLU A 11 -13.40 -16.24 -3.83
CA GLU A 11 -13.44 -16.23 -3.80
C GLU A 11 -13.00 -14.78 -4.03
N LEU A 12 -12.86 -14.38 -5.27
CA LEU A 12 -12.42 -13.03 -5.60
C LEU A 12 -13.56 -12.20 -6.18
N TYR A 13 -13.94 -11.15 -5.45
CA TYR A 13 -14.80 -10.12 -6.03
C TYR A 13 -13.89 -9.21 -6.82
N GLY A 14 -14.08 -9.21 -8.14
CA GLY A 14 -13.19 -8.50 -9.03
C GLY A 14 -13.93 -7.84 -10.19
N TYR A 15 -13.15 -7.20 -11.06
CA TYR A 15 -13.70 -6.54 -12.22
C TYR A 15 -12.66 -6.64 -13.31
N PHE A 16 -13.11 -6.94 -14.52
CA PHE A 16 -12.16 -7.26 -15.59
C PHE A 16 -11.09 -6.18 -15.77
N ARG A 17 -11.50 -4.92 -15.66
CA ARG A 17 -10.61 -3.82 -16.02
C ARG A 17 -10.02 -3.15 -14.80
N SER A 18 -10.20 -3.76 -13.64
CA SER A 18 -9.66 -3.22 -12.40
C SER A 18 -8.18 -3.65 -12.30
N SER A 19 -7.26 -2.69 -12.19
CA SER A 19 -5.84 -3.08 -12.12
C SER A 19 -5.56 -3.82 -10.81
N CYS A 20 -6.19 -3.38 -9.71
CA CYS A 20 -5.94 -4.02 -8.41
C CYS A 20 -6.44 -5.45 -8.40
N SER A 21 -7.59 -5.69 -9.06
CA SER A 21 -8.08 -7.06 -9.33
C SER A 21 -7.13 -7.89 -10.14
N GLY A 22 -6.56 -7.30 -11.18
CA GLY A 22 -5.60 -7.98 -12.02
C GLY A 22 -4.35 -8.46 -11.32
N ARG A 23 -3.92 -7.70 -10.31
CA ARG A 23 -2.78 -8.11 -9.49
C ARG A 23 -3.10 -9.49 -8.89
N LEU A 24 -4.31 -9.61 -8.33
CA LEU A 24 -4.66 -10.91 -7.73
C LEU A 24 -4.84 -12.01 -8.78
N ARG A 25 -5.49 -11.67 -9.90
CA ARG A 25 -5.64 -12.63 -10.99
C ARG A 25 -4.28 -13.18 -11.41
N ILE A 26 -3.32 -12.30 -11.61
CA ILE A 26 -1.97 -12.74 -11.99
C ILE A 26 -1.36 -13.69 -10.93
N ALA A 27 -1.44 -13.29 -9.66
CA ALA A 27 -0.84 -14.09 -8.59
C ALA A 27 -1.48 -15.47 -8.45
N PHE A 28 -2.81 -15.53 -8.49
CA PHE A 28 -3.50 -16.83 -8.47
C PHE A 28 -3.03 -17.76 -9.59
N HIS A 29 -2.99 -17.27 -10.82
CA HIS A 29 -2.53 -18.12 -11.92
C HIS A 29 -1.06 -18.56 -11.79
N LEU A 30 -0.18 -17.61 -11.41
CA LEU A 30 1.25 -17.93 -11.25
C LEU A 30 1.48 -19.02 -10.21
N LYS A 31 0.66 -19.01 -9.16
CA LYS A 31 0.88 -19.89 -8.01
C LYS A 31 0.02 -21.15 -8.13
N SER A 32 -0.71 -21.24 -9.26
CA SER A 32 -1.61 -22.37 -9.50
C SER A 32 -2.67 -22.56 -8.38
N ILE A 33 -3.20 -21.46 -7.86
CA ILE A 33 -4.20 -21.52 -6.80
C ILE A 33 -5.56 -21.33 -7.43
N PRO A 34 -6.42 -22.36 -7.33
CA PRO A 34 -7.77 -22.17 -7.86
C PRO A 34 -8.58 -21.15 -7.04
N TYR A 35 -9.51 -20.46 -7.68
CA TYR A 35 -10.39 -19.51 -6.97
C TYR A 35 -11.71 -19.34 -7.71
N THR A 36 -12.74 -18.98 -6.94
CA THR A 36 -14.06 -18.69 -7.47
C THR A 36 -14.15 -17.22 -7.80
N ARG A 37 -14.66 -16.93 -9.00
CA ARG A 37 -14.84 -15.57 -9.52
C ARG A 37 -16.21 -14.96 -9.24
N HIS A 38 -16.21 -13.75 -8.68
CA HIS A 38 -17.44 -12.97 -8.45
C HIS A 38 -17.27 -11.55 -9.04
N PRO A 39 -17.70 -11.34 -10.30
CA PRO A 39 -17.59 -10.00 -10.93
C PRO A 39 -18.43 -8.89 -10.28
N VAL A 40 -17.83 -7.71 -10.10
CA VAL A 40 -18.56 -6.55 -9.61
C VAL A 40 -18.44 -5.44 -10.66
N ASN A 41 -19.54 -5.13 -11.35
CA ASN A 41 -19.51 -4.10 -12.40
C ASN A 41 -19.34 -2.66 -11.91
N LEU A 42 -18.11 -2.16 -12.05
CA LEU A 42 -17.72 -0.83 -11.56
C LEU A 42 -18.33 0.34 -12.34
N LEU A 43 -18.57 0.10 -13.63
CA LEU A 43 -19.18 1.11 -14.50
C LEU A 43 -20.66 1.31 -14.20
N LYS A 44 -21.26 0.28 -13.59
CA LYS A 44 -22.67 0.32 -13.18
C LYS A 44 -22.80 0.74 -11.72
N GLY A 45 -21.65 0.96 -11.07
CA GLY A 45 -21.63 1.40 -9.68
C GLY A 45 -22.04 0.33 -8.68
N GLU A 46 -21.90 -0.93 -9.08
CA GLU A 46 -22.17 -2.07 -8.18
C GLU A 46 -21.28 -2.10 -6.93
N GLN A 47 -20.07 -1.52 -7.04
CA GLN A 47 -19.20 -1.27 -5.87
C GLN A 47 -19.84 -0.35 -4.79
N HIS A 48 -20.85 0.43 -5.19
CA HIS A 48 -21.51 1.43 -4.31
C HIS A 48 -22.72 0.90 -3.55
N SER A 49 -23.29 -0.22 -3.98
CA SER A 49 -24.45 -0.78 -3.29
C SER A 49 -24.16 -1.01 -1.80
N ASP A 50 -25.20 -0.94 -0.97
CA ASP A 50 -25.06 -1.21 0.47
C ASP A 50 -24.55 -2.65 0.72
N THR A 51 -25.08 -3.62 -0.05
CA THR A 51 -24.67 -5.03 0.04
C THR A 51 -23.16 -5.22 -0.20
N TYR A 52 -22.58 -4.46 -1.13
CA TYR A 52 -21.14 -4.55 -1.40
C TYR A 52 -20.30 -3.76 -0.35
N LYS A 53 -20.83 -2.65 0.15
CA LYS A 53 -20.18 -1.89 1.25
C LYS A 53 -20.02 -2.78 2.51
N SER A 54 -21.03 -3.63 2.75
CA SER A 54 -20.99 -4.70 3.78
C SER A 54 -19.84 -5.69 3.60
N LEU A 55 -19.51 -5.98 2.34
CA LEU A 55 -18.42 -6.91 2.02
C LEU A 55 -17.07 -6.20 2.09
N ASN A 56 -16.96 -5.06 1.39
CA ASN A 56 -15.76 -4.21 1.45
C ASN A 56 -16.13 -2.74 1.74
N PRO A 57 -15.74 -2.23 2.92
CA PRO A 57 -16.16 -0.92 3.41
C PRO A 57 -15.50 0.26 2.67
N THR A 58 -14.53 -0.04 1.81
CA THR A 58 -13.92 0.99 0.94
C THR A 58 -14.68 1.11 -0.40
N ASN A 59 -15.67 0.22 -0.62
CA ASN A 59 -16.39 0.13 -1.89
C ASN A 59 -15.44 -0.01 -3.06
N THR A 60 -14.48 -0.91 -2.92
CA THR A 60 -13.48 -1.16 -3.97
C THR A 60 -13.39 -2.65 -4.28
N VAL A 61 -12.84 -2.96 -5.45
CA VAL A 61 -12.41 -4.30 -5.77
C VAL A 61 -10.93 -4.14 -5.95
N PRO A 62 -10.18 -5.19 -5.63
CA PRO A 62 -10.74 -6.48 -5.27
C PRO A 62 -11.16 -6.64 -3.78
N LEU A 63 -11.96 -7.67 -3.53
CA LEU A 63 -12.15 -8.16 -2.19
C LEU A 63 -11.89 -9.66 -2.23
N LEU A 64 -10.97 -10.13 -1.40
CA LEU A 64 -10.69 -11.55 -1.33
C LEU A 64 -11.37 -12.15 -0.13
N VAL A 65 -12.23 -13.15 -0.37
CA VAL A 65 -12.91 -13.82 0.75
C VAL A 65 -12.28 -15.19 0.90
N VAL A 66 -11.73 -15.44 2.08
CA VAL A 66 -10.99 -16.68 2.34
C VAL A 66 -11.84 -17.53 3.29
N SER A 67 -12.00 -18.80 2.94
CA SER A 67 -12.80 -19.67 3.80
C SER A 67 -12.09 -21.00 3.98
N ASN A 68 -12.72 -21.90 4.74
CA ASN A 68 -12.07 -23.12 5.20
C ASN A 68 -10.82 -22.81 6.02
N ILE A 69 -10.90 -21.76 6.82
CA ILE A 69 -9.77 -21.39 7.65
C ILE A 69 -10.23 -21.03 9.04
N ASN A 70 -9.27 -20.94 9.95
CA ASN A 70 -9.53 -20.40 11.27
C ASN A 70 -9.42 -18.87 11.21
N ASN A 71 -10.55 -18.18 11.38
CA ASN A 71 -10.54 -16.74 11.42
C ASN A 71 -10.16 -16.26 12.82
N THR A 72 -8.87 -15.98 13.00
CA THR A 72 -8.31 -15.63 14.31
C THR A 72 -8.76 -14.25 14.76
N VAL A 73 -9.33 -13.46 13.84
CA VAL A 73 -9.82 -12.12 14.19
C VAL A 73 -11.29 -12.17 14.65
N SER A 74 -12.12 -12.89 13.90
CA SER A 74 -13.51 -13.15 14.33
C SER A 74 -13.71 -14.64 14.27
N PRO A 75 -13.42 -15.35 15.39
CA PRO A 75 -13.51 -16.81 15.48
C PRO A 75 -14.85 -17.40 15.10
N SER A 76 -15.94 -16.68 15.36
CA SER A 76 -17.29 -17.13 15.02
C SER A 76 -17.63 -17.00 13.51
N SER A 77 -16.77 -16.34 12.75
CA SER A 77 -17.00 -16.16 11.32
C SER A 77 -16.48 -17.34 10.49
N ALA A 78 -17.28 -17.78 9.53
CA ALA A 78 -16.90 -18.89 8.64
C ALA A 78 -15.82 -18.47 7.65
N SER A 79 -15.71 -17.16 7.40
CA SER A 79 -14.73 -16.67 6.44
C SER A 79 -13.94 -15.48 6.99
N PHE A 80 -12.93 -15.06 6.24
CA PHE A 80 -12.12 -13.87 6.51
C PHE A 80 -12.02 -13.08 5.20
N SER A 81 -12.24 -11.77 5.25
CA SER A 81 -12.23 -10.88 4.08
CA SER A 81 -12.16 -10.97 4.03
C SER A 81 -10.97 -10.02 4.04
N ILE A 82 -10.38 -9.85 2.86
CA ILE A 82 -9.18 -9.00 2.74
C ILE A 82 -9.49 -7.98 1.64
N GLY A 83 -9.71 -6.74 2.04
CA GLY A 83 -10.17 -5.69 1.11
C GLY A 83 -9.09 -4.83 0.45
N GLN A 84 -7.81 -5.16 0.66
CA GLN A 84 -6.74 -4.42 0.00
C GLN A 84 -5.82 -5.39 -0.72
N SER A 85 -5.53 -5.12 -1.99
CA SER A 85 -4.76 -6.09 -2.78
C SER A 85 -3.37 -6.44 -2.26
N LEU A 86 -2.61 -5.48 -1.71
CA LEU A 86 -1.23 -5.85 -1.25
C LEU A 86 -1.31 -6.74 -0.03
N ALA A 87 -2.27 -6.45 0.85
CA ALA A 87 -2.46 -7.33 2.01
C ALA A 87 -2.86 -8.72 1.53
N ALA A 88 -3.73 -8.81 0.51
CA ALA A 88 -4.16 -10.11 -0.03
C ALA A 88 -3.00 -10.88 -0.66
N LEU A 89 -2.18 -10.19 -1.48
CA LEU A 89 -0.96 -10.81 -2.05
C LEU A 89 -0.02 -11.39 -0.99
N GLU A 90 0.27 -10.62 0.06
CA GLU A 90 1.13 -11.14 1.13
C GLU A 90 0.47 -12.30 1.86
N TYR A 91 -0.86 -12.28 1.96
CA TYR A 91 -1.57 -13.38 2.63
C TYR A 91 -1.38 -14.68 1.82
N LEU A 92 -1.50 -14.62 0.49
CA LEU A 92 -1.22 -15.80 -0.33
C LEU A 92 0.15 -16.40 -0.04
N GLU A 93 1.12 -15.52 0.19
CA GLU A 93 2.51 -15.90 0.50
C GLU A 93 2.63 -16.54 1.87
N GLU A 94 1.93 -15.96 2.86
CA GLU A 94 2.06 -16.41 4.24
C GLU A 94 1.15 -17.57 4.59
N ALA A 95 0.01 -17.67 3.93
CA ALA A 95 -0.96 -18.70 4.29
C ALA A 95 -0.70 -19.99 3.56
N LEU A 96 0.14 -19.93 2.52
CA LEU A 96 0.43 -21.10 1.68
C LEU A 96 1.95 -21.26 1.54
N PRO A 97 2.65 -21.43 2.68
CA PRO A 97 4.11 -21.45 2.70
C PRO A 97 4.76 -22.59 1.90
N THR A 98 4.00 -23.65 1.59
CA THR A 98 4.57 -24.75 0.82
C THR A 98 4.27 -24.63 -0.68
N ASN A 99 3.49 -23.61 -1.07
CA ASN A 99 3.24 -23.36 -2.48
C ASN A 99 4.57 -23.36 -3.26
N ALA A 100 4.58 -24.03 -4.41
CA ALA A 100 5.81 -24.21 -5.16
C ALA A 100 6.35 -22.93 -5.79
N ARG A 101 5.56 -21.85 -5.85
CA ARG A 101 6.09 -20.63 -6.45
C ARG A 101 5.94 -19.43 -5.53
N PRO A 102 6.90 -19.25 -4.59
CA PRO A 102 6.92 -18.03 -3.80
C PRO A 102 7.08 -16.80 -4.70
N LEU A 103 6.36 -15.72 -4.39
CA LEU A 103 6.43 -14.49 -5.18
C LEU A 103 7.24 -13.39 -4.50
N LEU A 104 7.90 -13.73 -3.40
CA LEU A 104 8.93 -12.86 -2.81
C LEU A 104 10.25 -13.63 -2.72
N PRO A 105 11.40 -12.91 -2.80
CA PRO A 105 12.66 -13.51 -2.33
C PRO A 105 12.48 -14.08 -0.92
N PRO A 106 13.31 -15.08 -0.57
CA PRO A 106 13.21 -15.70 0.75
C PRO A 106 13.44 -14.69 1.86
N ILE A 107 12.87 -14.99 3.02
CA ILE A 107 12.98 -14.13 4.19
C ILE A 107 14.45 -13.91 4.62
N SER A 108 15.35 -14.78 4.20
CA SER A 108 16.79 -14.58 4.47
C SER A 108 17.39 -13.47 3.60
N ASN A 109 16.58 -12.87 2.72
CA ASN A 109 17.07 -11.80 1.87
C ASN A 109 16.16 -10.56 2.03
N PRO A 110 16.24 -9.88 3.20
CA PRO A 110 15.31 -8.75 3.43
C PRO A 110 15.58 -7.57 2.47
N VAL A 111 16.84 -7.42 2.03
CA VAL A 111 17.17 -6.33 1.10
C VAL A 111 16.40 -6.51 -0.21
N ALA A 112 16.47 -7.70 -0.81
CA ALA A 112 15.72 -7.95 -2.07
C ALA A 112 14.21 -7.82 -1.85
N ARG A 113 13.73 -8.33 -0.73
CA ARG A 113 12.29 -8.17 -0.40
C ARG A 113 11.89 -6.69 -0.34
N ALA A 114 12.72 -5.83 0.27
CA ALA A 114 12.43 -4.41 0.35
C ALA A 114 12.39 -3.76 -1.03
N HIS A 115 13.30 -4.16 -1.94
CA HIS A 115 13.27 -3.64 -3.30
C HIS A 115 11.96 -4.04 -3.98
N VAL A 116 11.57 -5.31 -3.82
CA VAL A 116 10.29 -5.75 -4.41
C VAL A 116 9.11 -4.92 -3.86
N ARG A 117 9.04 -4.82 -2.54
CA ARG A 117 7.94 -4.05 -1.90
C ARG A 117 7.97 -2.58 -2.30
N THR A 118 9.16 -2.01 -2.49
CA THR A 118 9.22 -0.58 -2.86
C THR A 118 8.54 -0.41 -4.22
N ILE A 119 8.86 -1.27 -5.18
CA ILE A 119 8.19 -1.19 -6.49
C ILE A 119 6.66 -1.36 -6.35
N CYS A 120 6.22 -2.37 -5.59
CA CYS A 120 4.78 -2.56 -5.36
C CYS A 120 4.14 -1.29 -4.79
N ASN A 121 4.83 -0.64 -3.86
CA ASN A 121 4.28 0.56 -3.16
C ASN A 121 4.25 1.77 -4.09
N ILE A 122 5.25 1.94 -4.94
CA ILE A 122 5.17 3.07 -5.88
C ILE A 122 3.90 2.94 -6.70
N ILE A 123 3.63 1.74 -7.19
CA ILE A 123 2.45 1.51 -8.03
C ILE A 123 1.15 1.61 -7.22
N ALA A 124 1.12 0.91 -6.09
CA ALA A 124 -0.13 0.79 -5.30
C ALA A 124 -0.46 2.01 -4.42
N CYS A 125 0.56 2.80 -4.07
CA CYS A 125 0.37 4.01 -3.30
C CYS A 125 0.35 5.25 -4.21
N ASP A 126 1.32 5.36 -5.12
CA ASP A 126 1.55 6.65 -5.80
C ASP A 126 1.00 6.78 -7.20
N VAL A 127 0.57 5.67 -7.80
CA VAL A 127 0.01 5.69 -9.15
C VAL A 127 -1.45 5.30 -9.13
N GLN A 128 -1.76 4.08 -8.69
CA GLN A 128 -3.15 3.58 -8.82
C GLN A 128 -4.18 4.48 -8.09
N PRO A 129 -3.94 4.82 -6.81
CA PRO A 129 -5.00 5.52 -6.07
C PRO A 129 -5.32 6.89 -6.63
N VAL A 130 -4.32 7.55 -7.24
CA VAL A 130 -4.58 8.92 -7.73
C VAL A 130 -5.09 8.94 -9.18
N THR A 131 -5.21 7.76 -9.78
CA THR A 131 -5.63 7.68 -11.17
C THR A 131 -6.80 6.71 -11.32
N ASN A 132 -7.45 6.33 -10.23
CA ASN A 132 -8.58 5.42 -10.34
C ASN A 132 -9.88 6.12 -10.74
N LEU A 133 -10.94 5.34 -10.88
CA LEU A 133 -12.19 5.93 -11.31
C LEU A 133 -12.69 6.99 -10.32
N LYS A 134 -12.66 6.68 -9.03
CA LYS A 134 -13.19 7.63 -8.02
C LYS A 134 -12.47 8.98 -8.15
N ILE A 135 -11.16 8.93 -8.30
CA ILE A 135 -10.40 10.19 -8.32
C ILE A 135 -10.61 10.90 -9.66
N GLN A 136 -10.66 10.12 -10.76
CA GLN A 136 -10.93 10.71 -12.07
C GLN A 136 -12.29 11.45 -12.06
N LYS A 137 -13.30 10.85 -11.42
CA LYS A 137 -14.60 11.52 -11.28
C LYS A 137 -14.54 12.83 -10.46
N LYS A 138 -13.79 12.82 -9.36
CA LYS A 138 -13.56 14.04 -8.56
C LYS A 138 -12.88 15.12 -9.37
N VAL A 139 -11.92 14.73 -10.20
CA VAL A 139 -11.26 15.67 -11.10
C VAL A 139 -12.24 16.24 -12.13
N LYS A 140 -13.03 15.37 -12.76
CA LYS A 140 -14.06 15.82 -13.70
C LYS A 140 -15.05 16.77 -13.04
N ALA A 141 -15.35 16.53 -11.76
CA ALA A 141 -16.34 17.36 -11.02
C ALA A 141 -15.79 18.76 -10.76
N LEU A 142 -14.47 18.90 -10.81
CA LEU A 142 -13.79 20.20 -10.71
C LEU A 142 -13.62 20.85 -12.07
N ASP A 143 -14.09 20.18 -13.12
CA ASP A 143 -13.92 20.68 -14.49
C ASP A 143 -12.50 20.58 -15.01
N GLY A 144 -11.71 19.69 -14.41
CA GLY A 144 -10.41 19.32 -14.98
C GLY A 144 -10.52 18.14 -15.92
N ASP A 145 -9.41 17.80 -16.55
CA ASP A 145 -9.34 16.71 -17.51
C ASP A 145 -8.74 15.51 -16.76
N PRO A 146 -9.59 14.52 -16.44
CA PRO A 146 -9.12 13.31 -15.71
C PRO A 146 -8.05 12.50 -16.47
N THR A 147 -8.05 12.56 -17.80
CA THR A 147 -7.11 11.81 -18.62
C THR A 147 -5.70 12.40 -18.54
N VAL A 148 -5.59 13.72 -18.66
CA VAL A 148 -4.30 14.39 -18.52
C VAL A 148 -3.76 14.30 -17.08
N TRP A 149 -4.64 14.57 -16.11
CA TRP A 149 -4.32 14.36 -14.69
C TRP A 149 -3.72 12.96 -14.51
N SER A 150 -4.41 11.92 -15.02
CA SER A 150 -3.94 10.55 -14.80
C SER A 150 -2.67 10.24 -15.55
N ARG A 151 -2.58 10.69 -16.80
CA ARG A 151 -1.35 10.49 -17.59
C ARG A 151 -0.14 11.12 -16.90
N ASP A 152 -0.27 12.36 -16.43
CA ASP A 152 0.84 13.03 -15.78
C ASP A 152 1.30 12.27 -14.53
N LEU A 153 0.34 11.83 -13.71
CA LEU A 153 0.71 11.12 -12.47
C LEU A 153 1.25 9.73 -12.73
N ALA A 154 0.67 9.00 -13.69
CA ALA A 154 1.26 7.70 -14.04
C ALA A 154 2.67 7.88 -14.61
N THR A 155 2.87 8.87 -15.49
CA THR A 155 4.21 9.11 -16.03
C THR A 155 5.23 9.33 -14.92
N GLN A 156 4.84 10.13 -13.94
CA GLN A 156 5.73 10.48 -12.85
C GLN A 156 6.07 9.24 -12.02
N GLY A 157 5.03 8.49 -11.66
CA GLY A 157 5.19 7.23 -10.92
C GLY A 157 6.02 6.21 -11.70
N PHE A 158 5.77 6.02 -12.98
CA PHE A 158 6.61 5.06 -13.75
C PHE A 158 8.08 5.48 -13.80
N GLY A 159 8.30 6.79 -13.72
CA GLY A 159 9.66 7.33 -13.56
C GLY A 159 10.35 6.75 -12.33
N ALA A 160 9.64 6.75 -11.18
CA ALA A 160 10.19 6.13 -9.98
C ALA A 160 10.43 4.60 -10.11
N VAL A 161 9.48 3.91 -10.73
CA VAL A 161 9.62 2.45 -10.98
C VAL A 161 10.88 2.21 -11.85
N GLU A 162 11.05 3.02 -12.87
CA GLU A 162 12.15 2.82 -13.83
C GLU A 162 13.48 2.99 -13.10
N LYS A 163 13.56 3.98 -12.21
CA LYS A 163 14.81 4.21 -11.47
C LYS A 163 15.15 3.01 -10.59
N LEU A 164 14.13 2.41 -9.99
CA LEU A 164 14.37 1.19 -9.22
C LEU A 164 14.83 0.02 -10.08
N LEU A 165 14.22 -0.16 -11.25
CA LEU A 165 14.58 -1.27 -12.10
C LEU A 165 16.00 -1.11 -12.67
N GLU A 166 16.47 0.11 -12.74
CA GLU A 166 17.86 0.37 -13.19
C GLU A 166 18.86 -0.29 -12.25
N LEU A 167 18.46 -0.49 -11.00
CA LEU A 167 19.30 -1.20 -10.04
C LEU A 167 19.01 -2.69 -9.98
N SER A 168 17.74 -3.07 -10.09
CA SER A 168 17.34 -4.44 -9.72
C SER A 168 17.02 -5.41 -10.83
N ALA A 169 16.62 -4.90 -12.01
CA ALA A 169 16.06 -5.74 -13.06
C ALA A 169 17.04 -6.69 -13.75
N GLY A 170 16.61 -7.91 -13.95
CA GLY A 170 17.31 -8.87 -14.76
C GLY A 170 16.28 -9.17 -15.82
N ARG A 171 15.92 -10.43 -15.92
CA ARG A 171 14.82 -10.83 -16.75
C ARG A 171 13.53 -10.13 -16.31
N PHE A 172 13.36 -9.99 -15.00
CA PHE A 172 12.13 -9.43 -14.41
C PHE A 172 12.49 -8.23 -13.50
N CYS A 173 11.51 -7.66 -12.79
CA CYS A 173 11.73 -6.44 -11.97
C CYS A 173 12.93 -6.55 -11.03
N VAL A 174 13.00 -7.67 -10.33
CA VAL A 174 14.07 -7.88 -9.36
C VAL A 174 14.74 -9.23 -9.70
N GLY A 175 15.90 -9.15 -10.35
CA GLY A 175 16.65 -10.33 -10.83
C GLY A 175 15.89 -11.17 -11.87
N ASP A 176 15.98 -12.49 -11.77
CA ASP A 176 15.53 -13.33 -12.88
C ASP A 176 14.29 -14.16 -12.58
N GLU A 177 13.65 -13.90 -11.44
CA GLU A 177 12.44 -14.63 -11.09
C GLU A 177 11.28 -13.63 -10.95
N ILE A 178 10.09 -14.09 -11.29
CA ILE A 178 8.87 -13.29 -11.11
C ILE A 178 8.60 -13.09 -9.61
N THR A 179 8.29 -11.84 -9.27
CA THR A 179 7.97 -11.46 -7.90
C THR A 179 6.70 -10.62 -7.88
N LEU A 180 6.26 -10.25 -6.69
CA LEU A 180 5.11 -9.38 -6.53
C LEU A 180 5.28 -8.03 -7.25
N ALA A 181 6.53 -7.58 -7.45
CA ALA A 181 6.79 -6.37 -8.25
C ALA A 181 6.21 -6.48 -9.68
N ASP A 182 6.49 -7.62 -10.34
CA ASP A 182 5.98 -7.88 -11.70
C ASP A 182 4.46 -8.01 -11.70
N VAL A 183 3.92 -8.66 -10.67
CA VAL A 183 2.48 -8.79 -10.47
C VAL A 183 1.81 -7.42 -10.44
N CYS A 184 2.45 -6.44 -9.81
CA CYS A 184 1.87 -5.09 -9.71
C CYS A 184 2.14 -4.28 -10.98
N LEU A 185 3.28 -4.56 -11.60
CA LEU A 185 3.66 -3.78 -12.77
C LEU A 185 2.72 -4.00 -13.93
N VAL A 186 2.41 -5.27 -14.22
CA VAL A 186 1.63 -5.59 -15.42
C VAL A 186 0.26 -4.89 -15.47
N PRO A 187 -0.55 -5.01 -14.40
CA PRO A 187 -1.84 -4.34 -14.50
C PRO A 187 -1.74 -2.81 -14.52
N ALA A 188 -0.70 -2.25 -13.89
CA ALA A 188 -0.46 -0.80 -13.94
C ALA A 188 -0.10 -0.32 -15.33
N VAL A 189 0.64 -1.14 -16.07
CA VAL A 189 0.91 -0.78 -17.45
C VAL A 189 -0.41 -0.82 -18.25
N TRP A 190 -1.23 -1.84 -18.07
CA TRP A 190 -2.53 -1.87 -18.79
C TRP A 190 -3.35 -0.62 -18.49
N ALA A 191 -3.32 -0.22 -17.23
CA ALA A 191 -4.04 0.98 -16.81
C ALA A 191 -3.47 2.27 -17.42
N ALA A 192 -2.14 2.39 -17.42
CA ALA A 192 -1.48 3.61 -17.86
C ALA A 192 -1.67 3.79 -19.35
N GLU A 193 -1.78 2.67 -20.06
CA GLU A 193 -2.03 2.76 -21.50
C GLU A 193 -3.41 3.32 -21.85
N ARG A 194 -4.40 3.10 -20.97
CA ARG A 194 -5.76 3.65 -21.16
C ARG A 194 -5.73 5.17 -21.21
N VAL A 195 -4.78 5.78 -20.49
CA VAL A 195 -4.70 7.24 -20.42
C VAL A 195 -3.59 7.84 -21.29
N GLY A 196 -2.99 7.01 -22.14
CA GLY A 196 -2.02 7.45 -23.16
C GLY A 196 -0.62 7.71 -22.64
N MET A 197 -0.23 6.99 -21.59
CA MET A 197 1.14 7.08 -21.13
C MET A 197 2.07 6.50 -22.18
N ASP A 198 3.24 7.11 -22.35
CA ASP A 198 4.21 6.56 -23.30
C ASP A 198 5.17 5.59 -22.59
N LEU A 199 4.89 4.29 -22.71
CA LEU A 199 5.66 3.25 -22.00
C LEU A 199 7.13 3.20 -22.46
N ALA A 200 7.39 3.65 -23.69
CA ALA A 200 8.76 3.64 -24.22
C ALA A 200 9.68 4.63 -23.52
N ARG A 201 9.10 5.58 -22.78
CA ARG A 201 9.91 6.48 -21.97
CA ARG A 201 9.90 6.49 -21.94
C ARG A 201 10.58 5.70 -20.83
N PHE A 202 10.12 4.45 -20.62
CA PHE A 202 10.56 3.59 -19.49
C PHE A 202 11.08 2.25 -20.02
N PRO A 203 12.32 2.25 -20.51
CA PRO A 203 12.73 1.11 -21.36
C PRO A 203 12.88 -0.20 -20.59
N ILE A 204 13.40 -0.14 -19.38
CA ILE A 204 13.50 -1.36 -18.60
C ILE A 204 12.13 -1.86 -18.17
N THR A 205 11.29 -0.95 -17.71
CA THR A 205 9.93 -1.31 -17.34
C THR A 205 9.23 -1.99 -18.54
N LYS A 206 9.43 -1.42 -19.72
CA LYS A 206 8.83 -1.97 -20.93
C LYS A 206 9.34 -3.36 -21.27
N ARG A 207 10.65 -3.56 -21.14
CA ARG A 207 11.24 -4.89 -21.39
C ARG A 207 10.64 -5.94 -20.45
N VAL A 208 10.58 -5.60 -19.17
CA VAL A 208 10.04 -6.51 -18.16
C VAL A 208 8.55 -6.77 -18.39
N PHE A 209 7.78 -5.73 -18.71
CA PHE A 209 6.36 -5.92 -19.02
C PHE A 209 6.21 -6.89 -20.18
N GLU A 210 7.03 -6.71 -21.23
CA GLU A 210 6.93 -7.57 -22.41
C GLU A 210 7.33 -8.99 -22.08
N GLU A 211 8.29 -9.14 -21.16
CA GLU A 211 8.72 -10.46 -20.70
C GLU A 211 7.55 -11.13 -19.97
N MET A 212 6.83 -10.36 -19.15
CA MET A 212 5.68 -10.93 -18.44
C MET A 212 4.57 -11.38 -19.38
N LEU A 213 4.38 -10.67 -20.49
CA LEU A 213 3.28 -10.96 -21.43
C LEU A 213 3.42 -12.33 -22.09
N LYS A 214 4.63 -12.88 -22.07
CA LYS A 214 4.89 -14.23 -22.59
C LYS A 214 4.32 -15.30 -21.67
N GLU A 215 4.06 -14.92 -20.41
CA GLU A 215 3.64 -15.89 -19.40
C GLU A 215 2.19 -16.30 -19.61
N GLU A 216 1.94 -17.62 -19.62
CA GLU A 216 0.56 -18.12 -19.68
C GLU A 216 -0.27 -17.56 -18.52
N ALA A 217 0.33 -17.49 -17.34
CA ALA A 217 -0.37 -17.01 -16.15
C ALA A 217 -0.87 -15.59 -16.34
N VAL A 218 -0.08 -14.74 -17.01
CA VAL A 218 -0.44 -13.33 -17.27
C VAL A 218 -1.56 -13.24 -18.32
N GLN A 219 -1.46 -14.06 -19.38
CA GLN A 219 -2.51 -14.10 -20.37
C GLN A 219 -3.85 -14.59 -19.81
N LYS A 220 -3.82 -15.60 -18.94
CA LYS A 220 -5.04 -16.08 -18.25
C LYS A 220 -5.67 -14.95 -17.44
N ALA A 221 -4.79 -14.05 -16.99
CA ALA A 221 -5.16 -12.92 -16.16
C ALA A 221 -5.51 -11.68 -16.94
N HIS A 222 -5.37 -11.70 -18.27
CA HIS A 222 -5.50 -10.49 -19.07
C HIS A 222 -6.87 -9.84 -18.89
N TRP A 223 -6.92 -8.50 -18.86
CA TRP A 223 -8.20 -7.78 -18.71
C TRP A 223 -9.16 -8.08 -19.89
N GLN A 224 -8.59 -8.40 -21.05
CA GLN A 224 -9.40 -8.71 -22.24
C GLN A 224 -9.91 -10.14 -22.27
N LYS A 225 -9.48 -10.96 -21.30
CA LYS A 225 -9.84 -12.39 -21.32
C LYS A 225 -10.61 -12.88 -20.10
N GLN A 226 -11.34 -11.99 -19.44
CA GLN A 226 -12.16 -12.38 -18.28
C GLN A 226 -13.62 -12.61 -18.63
N GLU A 227 -14.33 -13.31 -17.75
CA GLU A 227 -15.72 -13.66 -18.00
C GLU A 227 -16.62 -12.40 -18.07
N ASP A 228 -16.21 -11.34 -17.38
CA ASP A 228 -16.97 -10.08 -17.41
C ASP A 228 -16.42 -9.04 -18.39
N THR A 229 -15.45 -9.43 -19.22
CA THR A 229 -15.01 -8.58 -20.33
C THR A 229 -16.17 -8.45 -21.33
N PRO A 230 -16.65 -7.22 -21.59
CA PRO A 230 -17.72 -7.06 -22.58
C PRO A 230 -17.25 -7.55 -23.94
N GLU A 231 -18.19 -7.99 -24.79
CA GLU A 231 -17.85 -8.56 -26.08
C GLU A 231 -16.96 -7.64 -26.91
N ASP A 232 -17.31 -6.36 -26.92
CA ASP A 232 -16.63 -5.36 -27.75
C ASP A 232 -15.15 -5.19 -27.37
N LEU A 233 -14.79 -5.62 -26.15
CA LEU A 233 -13.42 -5.48 -25.64
C LEU A 233 -12.61 -6.78 -25.60
N ARG A 234 -13.17 -7.88 -26.10
CA ARG A 234 -12.54 -9.21 -25.99
C ARG A 234 -11.34 -9.50 -26.91
N THR B 7 29.40 5.88 9.43
CA THR B 7 28.11 5.84 8.67
C THR B 7 27.01 5.15 9.50
N PRO B 8 25.87 5.84 9.71
CA PRO B 8 24.81 5.24 10.55
C PRO B 8 24.12 4.06 9.86
N ASN B 9 23.71 3.06 10.64
CA ASN B 9 22.91 1.95 10.10
C ASN B 9 21.66 2.51 9.41
N PHE B 10 21.04 3.51 10.02
CA PHE B 10 19.82 4.09 9.47
C PHE B 10 19.86 5.58 9.49
N GLU B 11 19.59 6.19 8.34
CA GLU B 11 19.45 7.63 8.32
C GLU B 11 18.13 7.99 7.67
N LEU B 12 17.31 8.74 8.39
CA LEU B 12 15.98 9.10 7.87
C LEU B 12 15.93 10.53 7.37
N TYR B 13 15.77 10.67 6.07
CA TYR B 13 15.49 11.97 5.47
C TYR B 13 14.01 12.22 5.68
N GLY B 14 13.68 13.11 6.61
CA GLY B 14 12.29 13.20 7.04
C GLY B 14 11.87 14.66 7.20
N TYR B 15 10.63 14.85 7.59
CA TYR B 15 10.10 16.19 7.74
C TYR B 15 9.07 16.10 8.85
N PHE B 16 9.10 17.07 9.77
CA PHE B 16 8.28 16.96 10.98
C PHE B 16 6.83 16.68 10.66
N ARG B 17 6.28 17.35 9.66
CA ARG B 17 4.83 17.23 9.45
C ARG B 17 4.45 16.20 8.38
N SER B 18 5.43 15.47 7.86
CA SER B 18 5.17 14.38 6.88
C SER B 18 4.56 13.17 7.61
N SER B 19 3.34 12.74 7.23
CA SER B 19 2.76 11.59 7.92
C SER B 19 3.56 10.31 7.65
N CYS B 20 4.05 10.16 6.43
CA CYS B 20 4.82 8.95 6.09
C CYS B 20 6.13 8.92 6.88
N SER B 21 6.73 10.10 7.09
CA SER B 21 7.91 10.18 7.98
C SER B 21 7.52 9.82 9.39
N GLY B 22 6.36 10.30 9.81
CA GLY B 22 5.87 10.01 11.17
C GLY B 22 5.71 8.51 11.38
N ARG B 23 5.28 7.77 10.35
CA ARG B 23 5.18 6.30 10.50
C ARG B 23 6.52 5.70 10.90
N LEU B 24 7.57 6.11 10.24
CA LEU B 24 8.92 5.57 10.51
C LEU B 24 9.45 6.05 11.87
N ARG B 25 9.20 7.30 12.22
CA ARG B 25 9.63 7.77 13.56
C ARG B 25 9.01 6.94 14.68
N ILE B 26 7.71 6.69 14.56
CA ILE B 26 7.03 5.87 15.55
C ILE B 26 7.63 4.46 15.59
N ALA B 27 7.85 3.84 14.42
CA ALA B 27 8.43 2.50 14.40
C ALA B 27 9.81 2.44 15.03
N PHE B 28 10.71 3.37 14.65
CA PHE B 28 12.05 3.36 15.21
C PHE B 28 12.01 3.49 16.74
N HIS B 29 11.18 4.39 17.24
CA HIS B 29 11.11 4.58 18.70
C HIS B 29 10.50 3.38 19.41
N LEU B 30 9.41 2.84 18.87
CA LEU B 30 8.78 1.65 19.44
C LEU B 30 9.70 0.44 19.48
N LYS B 31 10.53 0.30 18.45
CA LYS B 31 11.44 -0.87 18.35
C LYS B 31 12.81 -0.55 18.96
N SER B 32 12.98 0.68 19.46
CA SER B 32 14.27 1.11 20.03
C SER B 32 15.44 0.86 19.06
N ILE B 33 15.29 1.29 17.81
CA ILE B 33 16.34 1.13 16.80
C ILE B 33 16.89 2.52 16.64
N PRO B 34 18.19 2.71 16.97
CA PRO B 34 18.77 4.06 16.78
C PRO B 34 18.76 4.47 15.32
N TYR B 35 18.54 5.76 15.05
CA TYR B 35 18.65 6.25 13.68
C TYR B 35 19.12 7.70 13.68
N THR B 36 19.75 8.10 12.58
CA THR B 36 20.24 9.45 12.44
C THR B 36 19.15 10.30 11.74
N ARG B 37 18.79 11.43 12.33
CA ARG B 37 17.71 12.28 11.77
C ARG B 37 18.31 13.24 10.75
N HIS B 38 17.68 13.33 9.57
CA HIS B 38 18.16 14.22 8.54
C HIS B 38 16.97 15.05 8.04
N PRO B 39 16.68 16.18 8.70
CA PRO B 39 15.47 16.92 8.28
C PRO B 39 15.66 17.53 6.90
N VAL B 40 14.59 17.59 6.12
CA VAL B 40 14.60 18.11 4.77
C VAL B 40 13.56 19.21 4.72
N ASN B 41 13.95 20.38 4.19
CA ASN B 41 13.00 21.52 4.08
C ASN B 41 11.97 21.37 2.95
N LEU B 42 10.81 22.00 3.15
CA LEU B 42 9.67 21.95 2.22
C LEU B 42 10.05 22.21 0.77
N LEU B 43 10.75 23.32 0.52
CA LEU B 43 11.14 23.72 -0.85
C LEU B 43 12.59 24.21 -0.92
N ASN B 59 12.93 14.45 -5.16
CA ASN B 59 13.23 14.69 -3.75
C ASN B 59 12.25 13.90 -2.83
N THR B 60 12.58 12.64 -2.57
CA THR B 60 11.68 11.72 -1.86
C THR B 60 11.73 11.95 -0.35
N VAL B 61 10.57 12.15 0.28
CA VAL B 61 10.48 12.33 1.73
C VAL B 61 9.24 11.53 2.22
N PRO B 62 9.45 10.54 3.10
CA PRO B 62 10.74 10.15 3.71
C PRO B 62 11.56 9.26 2.79
N LEU B 63 12.88 9.35 3.00
CA LEU B 63 13.79 8.47 2.33
C LEU B 63 14.60 7.86 3.46
N LEU B 64 14.54 6.54 3.58
CA LEU B 64 15.34 5.86 4.56
C LEU B 64 16.58 5.30 3.89
N VAL B 65 17.76 5.77 4.32
CA VAL B 65 19.02 5.26 3.78
C VAL B 65 19.55 4.25 4.78
N VAL B 66 19.82 3.05 4.27
CA VAL B 66 20.15 1.88 5.09
C VAL B 66 21.59 1.54 4.74
N SER B 67 22.48 1.55 5.73
CA SER B 67 23.91 1.39 5.43
C SER B 67 24.53 0.28 6.25
N ASN B 68 25.80 -0.04 5.95
CA ASN B 68 26.52 -1.09 6.63
C ASN B 68 25.83 -2.44 6.41
N ILE B 69 25.32 -2.61 5.20
CA ILE B 69 24.63 -3.84 4.89
C ILE B 69 25.30 -4.61 3.75
N ASN B 70 24.85 -5.83 3.57
CA ASN B 70 25.18 -6.64 2.42
C ASN B 70 24.09 -6.42 1.40
N ASN B 71 24.44 -5.71 0.33
CA ASN B 71 23.46 -5.33 -0.68
C ASN B 71 23.39 -6.41 -1.72
N THR B 72 22.34 -7.21 -1.61
CA THR B 72 22.17 -8.41 -2.43
C THR B 72 21.63 -8.02 -3.81
N VAL B 73 21.21 -6.76 -3.96
CA VAL B 73 20.74 -6.25 -5.25
C VAL B 73 21.86 -5.53 -6.02
N SER B 74 22.60 -4.68 -5.32
CA SER B 74 23.78 -4.00 -5.88
C SER B 74 25.01 -4.32 -5.04
N PRO B 75 25.68 -5.44 -5.34
CA PRO B 75 26.72 -5.95 -4.44
C PRO B 75 27.94 -5.07 -4.26
N SER B 76 28.19 -4.13 -5.19
CA SER B 76 29.35 -3.25 -5.04
C SER B 76 29.08 -2.09 -4.08
N SER B 77 27.86 -2.09 -3.53
CA SER B 77 27.42 -1.05 -2.62
CA SER B 77 27.43 -1.05 -2.61
C SER B 77 27.12 -1.65 -1.23
N ALA B 78 27.42 -0.91 -0.18
CA ALA B 78 27.13 -1.36 1.18
C ALA B 78 25.90 -0.62 1.72
N SER B 79 25.15 0.00 0.82
CA SER B 79 23.95 0.75 1.24
C SER B 79 22.85 0.68 0.21
N PHE B 80 21.63 1.02 0.63
CA PHE B 80 20.58 1.29 -0.34
C PHE B 80 19.55 2.17 0.32
N SER B 81 18.60 2.66 -0.46
CA SER B 81 17.58 3.48 0.14
C SER B 81 16.18 2.97 -0.15
N ILE B 82 15.25 3.31 0.75
CA ILE B 82 13.89 2.85 0.62
C ILE B 82 13.04 4.09 0.67
N GLY B 83 12.35 4.36 -0.43
CA GLY B 83 11.61 5.58 -0.59
C GLY B 83 10.12 5.35 -0.45
N GLN B 84 9.73 4.18 0.06
CA GLN B 84 8.32 3.95 0.30
C GLN B 84 8.18 3.47 1.73
N SER B 85 7.34 4.15 2.51
CA SER B 85 7.29 3.85 3.95
C SER B 85 6.78 2.46 4.30
N LEU B 86 5.81 1.90 3.58
CA LEU B 86 5.34 0.53 3.92
C LEU B 86 6.45 -0.52 3.71
N ALA B 87 7.18 -0.39 2.61
CA ALA B 87 8.35 -1.28 2.36
C ALA B 87 9.41 -1.10 3.45
N ALA B 88 9.65 0.15 3.87
CA ALA B 88 10.64 0.42 4.94
C ALA B 88 10.18 -0.21 6.26
N LEU B 89 8.89 -0.07 6.58
CA LEU B 89 8.38 -0.69 7.81
C LEU B 89 8.57 -2.21 7.84
N GLU B 90 8.28 -2.88 6.72
CA GLU B 90 8.40 -4.34 6.70
C GLU B 90 9.88 -4.72 6.70
N TYR B 91 10.71 -3.87 6.10
CA TYR B 91 12.17 -4.08 6.14
C TYR B 91 12.71 -4.07 7.56
N LEU B 92 12.28 -3.12 8.39
CA LEU B 92 12.70 -3.12 9.80
C LEU B 92 12.31 -4.43 10.54
N GLU B 93 11.14 -4.98 10.23
CA GLU B 93 10.70 -6.27 10.77
C GLU B 93 11.65 -7.41 10.32
N GLU B 94 12.08 -7.38 9.05
CA GLU B 94 12.76 -8.53 8.48
C GLU B 94 14.28 -8.46 8.67
N ALA B 95 14.81 -7.24 8.75
CA ALA B 95 16.26 -7.02 8.90
C ALA B 95 16.68 -7.22 10.35
N LEU B 96 15.74 -7.07 11.28
CA LEU B 96 16.00 -7.25 12.69
C LEU B 96 14.99 -8.23 13.30
N PRO B 97 15.11 -9.51 12.92
CA PRO B 97 14.09 -10.51 13.30
C PRO B 97 14.01 -10.79 14.80
N THR B 98 15.06 -10.44 15.56
CA THR B 98 15.02 -10.70 17.00
C THR B 98 14.65 -9.46 17.84
N ASN B 99 14.33 -8.35 17.17
CA ASN B 99 13.93 -7.12 17.83
C ASN B 99 12.85 -7.40 18.90
N ALA B 100 12.94 -6.74 20.05
CA ALA B 100 12.04 -7.01 21.17
C ALA B 100 10.57 -6.65 20.86
N ARG B 101 10.33 -5.84 19.84
CA ARG B 101 8.94 -5.46 19.53
C ARG B 101 8.53 -5.73 18.09
N PRO B 102 8.20 -6.98 17.76
CA PRO B 102 7.60 -7.25 16.45
C PRO B 102 6.33 -6.42 16.30
N LEU B 103 6.21 -5.73 15.16
CA LEU B 103 5.02 -4.90 14.88
C LEU B 103 4.03 -5.63 13.94
N LEU B 104 4.29 -6.93 13.69
CA LEU B 104 3.26 -7.78 13.08
C LEU B 104 2.99 -8.93 14.03
N PRO B 105 1.78 -9.48 14.00
CA PRO B 105 1.47 -10.72 14.68
C PRO B 105 2.43 -11.82 14.15
N PRO B 106 2.63 -12.89 14.90
CA PRO B 106 3.54 -13.97 14.43
C PRO B 106 3.14 -14.56 13.05
N ILE B 107 4.13 -15.09 12.31
CA ILE B 107 3.91 -15.71 10.99
C ILE B 107 2.93 -16.89 11.03
N SER B 108 2.78 -17.46 12.21
CA SER B 108 1.82 -18.53 12.44
C SER B 108 0.38 -18.01 12.45
N ASN B 109 0.21 -16.69 12.42
CA ASN B 109 -1.11 -16.05 12.39
C ASN B 109 -1.28 -15.13 11.14
N PRO B 110 -1.31 -15.72 9.92
CA PRO B 110 -1.40 -14.97 8.66
C PRO B 110 -2.70 -14.17 8.53
N VAL B 111 -3.78 -14.65 9.15
CA VAL B 111 -5.04 -13.89 9.18
C VAL B 111 -4.85 -12.56 9.89
N ALA B 112 -4.27 -12.57 11.08
CA ALA B 112 -4.09 -11.32 11.82
C ALA B 112 -3.11 -10.39 11.12
N ARG B 113 -2.10 -10.97 10.49
CA ARG B 113 -1.13 -10.22 9.69
C ARG B 113 -1.79 -9.53 8.51
N ALA B 114 -2.69 -10.25 7.86
CA ALA B 114 -3.45 -9.71 6.75
C ALA B 114 -4.38 -8.59 7.18
N HIS B 115 -5.08 -8.77 8.31
CA HIS B 115 -5.93 -7.71 8.83
C HIS B 115 -5.11 -6.46 9.18
N VAL B 116 -3.96 -6.63 9.80
CA VAL B 116 -3.04 -5.51 10.04
C VAL B 116 -2.68 -4.82 8.71
N ARG B 117 -2.29 -5.62 7.70
CA ARG B 117 -1.79 -5.01 6.47
C ARG B 117 -2.91 -4.28 5.72
N THR B 118 -4.13 -4.77 5.85
CA THR B 118 -5.29 -4.13 5.19
C THR B 118 -5.54 -2.75 5.78
N ILE B 119 -5.48 -2.63 7.11
CA ILE B 119 -5.65 -1.33 7.74
C ILE B 119 -4.51 -0.40 7.24
N CYS B 120 -3.28 -0.90 7.25
CA CYS B 120 -2.14 -0.08 6.74
C CYS B 120 -2.37 0.40 5.32
N ASN B 121 -2.91 -0.46 4.48
CA ASN B 121 -3.11 -0.15 3.07
C ASN B 121 -4.26 0.80 2.81
N ILE B 122 -5.32 0.68 3.60
CA ILE B 122 -6.39 1.69 3.45
C ILE B 122 -5.74 3.07 3.62
N ILE B 123 -4.89 3.19 4.62
CA ILE B 123 -4.32 4.50 4.94
C ILE B 123 -3.24 4.88 3.92
N ALA B 124 -2.33 3.94 3.67
CA ALA B 124 -1.16 4.27 2.85
C ALA B 124 -1.44 4.34 1.34
N CYS B 125 -2.49 3.67 0.87
CA CYS B 125 -2.84 3.64 -0.54
C CYS B 125 -4.00 4.61 -0.80
N ASP B 126 -5.03 4.55 0.05
CA ASP B 126 -6.32 5.15 -0.31
C ASP B 126 -6.61 6.49 0.36
N VAL B 127 -5.76 6.88 1.34
CA VAL B 127 -5.93 8.16 2.02
C VAL B 127 -4.74 9.07 1.81
N GLN B 128 -3.56 8.66 2.26
CA GLN B 128 -2.42 9.55 2.26
C GLN B 128 -2.08 10.04 0.84
N PRO B 129 -2.07 9.15 -0.17
CA PRO B 129 -1.57 9.65 -1.46
C PRO B 129 -2.51 10.61 -2.16
N VAL B 130 -3.79 10.58 -1.82
CA VAL B 130 -4.75 11.45 -2.49
C VAL B 130 -5.02 12.73 -1.67
N THR B 131 -4.33 12.88 -0.54
CA THR B 131 -4.52 14.07 0.34
C THR B 131 -3.19 14.71 0.72
N ASN B 132 -2.15 14.40 -0.04
CA ASN B 132 -0.80 14.84 0.28
C ASN B 132 -0.54 16.22 -0.33
N LEU B 133 0.66 16.75 -0.17
CA LEU B 133 0.92 18.11 -0.65
C LEU B 133 0.84 18.16 -2.19
N LYS B 134 1.47 17.18 -2.84
CA LYS B 134 1.50 17.16 -4.29
C LYS B 134 0.07 17.24 -4.86
N ILE B 135 -0.81 16.38 -4.36
CA ILE B 135 -2.18 16.29 -4.88
C ILE B 135 -3.04 17.50 -4.45
N GLN B 136 -2.88 17.97 -3.21
CA GLN B 136 -3.55 19.23 -2.80
C GLN B 136 -3.17 20.41 -3.71
N LYS B 137 -1.92 20.46 -4.14
CA LYS B 137 -1.51 21.49 -5.08
C LYS B 137 -2.16 21.34 -6.43
N LYS B 138 -2.28 20.10 -6.91
CA LYS B 138 -2.94 19.84 -8.20
C LYS B 138 -4.40 20.23 -8.11
N VAL B 139 -4.99 20.05 -6.94
CA VAL B 139 -6.41 20.39 -6.75
C VAL B 139 -6.56 21.92 -6.79
N LYS B 140 -5.68 22.62 -6.09
CA LYS B 140 -5.72 24.07 -6.07
C LYS B 140 -5.48 24.61 -7.48
N ALA B 141 -4.62 23.92 -8.25
CA ALA B 141 -4.32 24.37 -9.62
C ALA B 141 -5.57 24.32 -10.53
N LEU B 142 -6.47 23.40 -10.24
CA LEU B 142 -7.78 23.31 -10.91
C LEU B 142 -8.83 24.28 -10.34
N ASP B 143 -8.38 25.16 -9.46
CA ASP B 143 -9.28 26.07 -8.67
C ASP B 143 -10.27 25.31 -7.76
N GLY B 144 -9.84 24.14 -7.28
CA GLY B 144 -10.60 23.37 -6.29
C GLY B 144 -10.20 23.79 -4.89
N ASP B 145 -10.87 23.22 -3.90
CA ASP B 145 -10.54 23.50 -2.50
C ASP B 145 -9.81 22.27 -1.95
N PRO B 146 -8.47 22.34 -1.77
CA PRO B 146 -7.70 21.15 -1.36
C PRO B 146 -8.08 20.66 0.04
N THR B 147 -8.55 21.54 0.92
CA THR B 147 -9.00 21.09 2.25
C THR B 147 -10.28 20.28 2.16
N VAL B 148 -11.28 20.74 1.39
CA VAL B 148 -12.53 20.00 1.27
C VAL B 148 -12.27 18.67 0.58
N TRP B 149 -11.50 18.72 -0.51
CA TRP B 149 -11.12 17.50 -1.25
C TRP B 149 -10.51 16.47 -0.27
N SER B 150 -9.56 16.94 0.53
CA SER B 150 -8.81 16.05 1.43
C SER B 150 -9.66 15.57 2.59
N ARG B 151 -10.46 16.47 3.17
CA ARG B 151 -11.36 16.05 4.24
C ARG B 151 -12.32 14.96 3.74
N ASP B 152 -12.89 15.15 2.55
CA ASP B 152 -13.81 14.20 1.95
C ASP B 152 -13.13 12.80 1.83
N LEU B 153 -11.93 12.76 1.23
CA LEU B 153 -11.23 11.50 1.04
C LEU B 153 -10.77 10.85 2.33
N ALA B 154 -10.27 11.64 3.29
CA ALA B 154 -9.87 11.11 4.60
C ALA B 154 -11.09 10.53 5.35
N THR B 155 -12.21 11.25 5.33
CA THR B 155 -13.44 10.78 5.96
C THR B 155 -13.87 9.39 5.40
N GLN B 156 -13.86 9.26 4.07
CA GLN B 156 -14.19 7.97 3.41
C GLN B 156 -13.28 6.84 3.84
N GLY B 157 -11.96 7.07 3.85
CA GLY B 157 -10.97 6.04 4.26
C GLY B 157 -11.06 5.71 5.74
N PHE B 158 -11.24 6.73 6.56
CA PHE B 158 -11.43 6.45 8.00
C PHE B 158 -12.71 5.66 8.27
N GLY B 159 -13.72 5.85 7.43
CA GLY B 159 -14.94 5.00 7.48
C GLY B 159 -14.59 3.51 7.33
N ALA B 160 -13.74 3.22 6.37
CA ALA B 160 -13.28 1.86 6.13
C ALA B 160 -12.41 1.34 7.26
N VAL B 161 -11.49 2.19 7.78
CA VAL B 161 -10.66 1.78 8.93
C VAL B 161 -11.55 1.46 10.12
N GLU B 162 -12.53 2.32 10.40
CA GLU B 162 -13.43 2.13 11.54
C GLU B 162 -14.17 0.78 11.44
N LYS B 163 -14.63 0.46 10.25
CA LYS B 163 -15.32 -0.84 10.03
C LYS B 163 -14.41 -2.04 10.32
N LEU B 164 -13.16 -1.95 9.88
CA LEU B 164 -12.20 -3.02 10.24
C LEU B 164 -11.90 -3.09 11.75
N LEU B 165 -11.79 -1.94 12.43
CA LEU B 165 -11.51 -1.95 13.86
C LEU B 165 -12.72 -2.49 14.66
N GLU B 166 -13.92 -2.31 14.11
CA GLU B 166 -15.13 -2.88 14.74
C GLU B 166 -14.98 -4.41 14.87
N LEU B 167 -14.24 -5.01 13.95
CA LEU B 167 -14.00 -6.46 13.99
C LEU B 167 -12.79 -6.86 14.82
N SER B 168 -11.74 -6.04 14.82
CA SER B 168 -10.46 -6.48 15.34
C SER B 168 -9.93 -5.79 16.58
N ALA B 169 -10.38 -4.59 16.85
CA ALA B 169 -9.78 -3.78 17.91
C ALA B 169 -9.97 -4.31 19.34
N GLY B 170 -8.89 -4.29 20.13
CA GLY B 170 -8.98 -4.47 21.56
C GLY B 170 -8.50 -3.15 22.13
N ARG B 171 -7.37 -3.22 22.81
CA ARG B 171 -6.68 -2.00 23.22
C ARG B 171 -6.17 -1.22 22.01
N PHE B 172 -5.72 -1.97 21.00
CA PHE B 172 -5.13 -1.37 19.79
C PHE B 172 -5.91 -1.80 18.52
N CYS B 173 -5.46 -1.41 17.33
CA CYS B 173 -6.23 -1.68 16.11
C CYS B 173 -6.57 -3.18 15.96
N VAL B 174 -5.59 -4.03 16.29
CA VAL B 174 -5.79 -5.49 16.15
C VAL B 174 -5.34 -6.15 17.44
N GLY B 175 -6.32 -6.52 18.27
CA GLY B 175 -6.02 -7.14 19.55
C GLY B 175 -5.50 -6.13 20.55
N ASP B 176 -4.64 -6.61 21.43
CA ASP B 176 -4.21 -5.79 22.54
C ASP B 176 -2.74 -5.43 22.44
N GLU B 177 -2.12 -5.69 21.28
CA GLU B 177 -0.74 -5.27 21.05
C GLU B 177 -0.60 -4.30 19.88
N ILE B 178 0.37 -3.39 20.03
CA ILE B 178 0.70 -2.40 19.00
C ILE B 178 1.21 -3.13 17.76
N THR B 179 0.62 -2.80 16.61
CA THR B 179 1.12 -3.32 15.33
C THR B 179 1.32 -2.18 14.34
N LEU B 180 1.77 -2.54 13.13
CA LEU B 180 1.94 -1.55 12.08
C LEU B 180 0.62 -0.80 11.75
N ALA B 181 -0.52 -1.44 11.98
CA ALA B 181 -1.82 -0.73 11.83
C ALA B 181 -1.86 0.53 12.70
N ASP B 182 -1.41 0.42 13.94
CA ASP B 182 -1.36 1.59 14.85
C ASP B 182 -0.35 2.63 14.42
N VAL B 183 0.77 2.16 13.91
CA VAL B 183 1.88 3.00 13.44
C VAL B 183 1.41 3.86 12.27
N CYS B 184 0.62 3.25 11.39
CA CYS B 184 0.01 3.99 10.25
C CYS B 184 -1.15 4.85 10.71
N LEU B 185 -1.90 4.38 11.71
CA LEU B 185 -3.08 5.11 12.18
C LEU B 185 -2.74 6.52 12.72
N VAL B 186 -1.74 6.57 13.59
CA VAL B 186 -1.47 7.81 14.32
C VAL B 186 -1.13 9.02 13.44
N PRO B 187 -0.13 8.87 12.53
CA PRO B 187 0.16 10.03 11.68
C PRO B 187 -0.98 10.38 10.71
N ALA B 188 -1.79 9.38 10.34
CA ALA B 188 -2.98 9.65 9.49
C ALA B 188 -4.01 10.48 10.25
N VAL B 189 -4.16 10.22 11.55
CA VAL B 189 -5.04 11.05 12.37
C VAL B 189 -4.52 12.50 12.44
N TRP B 190 -3.22 12.65 12.71
CA TRP B 190 -2.64 13.98 12.70
C TRP B 190 -2.85 14.70 11.35
N ALA B 191 -2.62 14.02 10.23
CA ALA B 191 -2.86 14.61 8.92
C ALA B 191 -4.34 14.95 8.72
N ALA B 192 -5.22 14.07 9.17
CA ALA B 192 -6.66 14.28 8.92
C ALA B 192 -7.18 15.47 9.72
N GLU B 193 -6.63 15.66 10.91
CA GLU B 193 -7.01 16.79 11.78
C GLU B 193 -6.67 18.11 11.11
N ARG B 194 -5.57 18.17 10.34
CA ARG B 194 -5.21 19.39 9.65
C ARG B 194 -6.27 19.87 8.69
N VAL B 195 -7.03 18.93 8.10
CA VAL B 195 -8.06 19.31 7.12
C VAL B 195 -9.45 19.29 7.75
N GLY B 196 -9.50 19.21 9.06
CA GLY B 196 -10.76 19.40 9.78
C GLY B 196 -11.63 18.17 9.85
N MET B 197 -11.04 16.99 9.64
CA MET B 197 -11.84 15.75 9.73
C MET B 197 -12.31 15.62 11.18
N ASP B 198 -13.57 15.27 11.39
CA ASP B 198 -14.12 15.05 12.73
C ASP B 198 -13.84 13.62 13.24
N LEU B 199 -12.85 13.49 14.12
CA LEU B 199 -12.38 12.18 14.56
C LEU B 199 -13.43 11.49 15.42
N ALA B 200 -14.38 12.26 15.95
CA ALA B 200 -15.42 11.72 16.80
C ALA B 200 -16.40 10.86 16.00
N ARG B 201 -16.39 11.02 14.68
CA ARG B 201 -17.19 10.17 13.80
C ARG B 201 -16.65 8.75 13.74
N PHE B 202 -15.43 8.54 14.25
CA PHE B 202 -14.75 7.23 14.16
C PHE B 202 -14.33 6.85 15.58
N PRO B 203 -15.28 6.37 16.38
CA PRO B 203 -15.04 6.29 17.82
C PRO B 203 -14.03 5.23 18.30
N ILE B 204 -13.98 4.09 17.62
CA ILE B 204 -12.97 3.09 18.00
C ILE B 204 -11.63 3.61 17.52
N THR B 205 -11.59 4.14 16.31
CA THR B 205 -10.37 4.75 15.79
C THR B 205 -9.84 5.81 16.78
N LYS B 206 -10.71 6.68 17.28
CA LYS B 206 -10.31 7.71 18.24
CA LYS B 206 -10.30 7.70 18.25
C LYS B 206 -9.77 7.08 19.54
N ARG B 207 -10.42 6.02 19.99
CA ARG B 207 -10.04 5.37 21.23
C ARG B 207 -8.61 4.77 21.16
N VAL B 208 -8.35 4.07 20.06
CA VAL B 208 -7.04 3.48 19.79
C VAL B 208 -5.97 4.56 19.58
N PHE B 209 -6.33 5.61 18.87
CA PHE B 209 -5.44 6.79 18.68
C PHE B 209 -5.05 7.33 20.07
N GLU B 210 -6.04 7.49 20.95
CA GLU B 210 -5.77 8.06 22.28
C GLU B 210 -4.90 7.14 23.14
N GLU B 211 -5.08 5.82 22.97
CA GLU B 211 -4.27 4.82 23.66
C GLU B 211 -2.81 4.95 23.17
N MET B 212 -2.64 5.15 21.87
CA MET B 212 -1.29 5.29 21.30
C MET B 212 -0.59 6.55 21.81
N LEU B 213 -1.35 7.64 22.01
CA LEU B 213 -0.74 8.88 22.51
C LEU B 213 -0.16 8.71 23.93
N LYS B 214 -0.63 7.70 24.66
CA LYS B 214 -0.07 7.41 25.97
C LYS B 214 1.34 6.82 25.90
N GLU B 215 1.75 6.38 24.72
CA GLU B 215 3.06 5.74 24.54
C GLU B 215 4.21 6.73 24.49
N GLU B 216 5.23 6.50 25.31
CA GLU B 216 6.45 7.35 25.27
C GLU B 216 7.05 7.37 23.85
N ALA B 217 7.01 6.22 23.17
CA ALA B 217 7.62 6.12 21.85
C ALA B 217 6.86 6.99 20.90
N VAL B 218 5.52 7.07 21.03
CA VAL B 218 4.72 7.89 20.13
C VAL B 218 4.94 9.36 20.41
N GLN B 219 5.02 9.71 21.70
CA GLN B 219 5.38 11.09 22.05
C GLN B 219 6.76 11.51 21.52
N LYS B 220 7.78 10.63 21.61
CA LYS B 220 9.11 10.99 21.07
C LYS B 220 9.03 11.22 19.57
N ALA B 221 8.03 10.57 18.94
CA ALA B 221 7.85 10.62 17.49
C ALA B 221 6.85 11.70 17.06
N HIS B 222 6.34 12.47 18.02
CA HIS B 222 5.24 13.43 17.76
C HIS B 222 5.67 14.49 16.78
N TRP B 223 4.80 14.81 15.82
CA TRP B 223 5.10 15.82 14.82
C TRP B 223 5.44 17.19 15.48
N GLN B 224 4.97 17.40 16.71
CA GLN B 224 5.19 18.70 17.38
C GLN B 224 6.48 18.71 18.20
N LYS B 225 7.14 17.56 18.27
CA LYS B 225 8.30 17.37 19.13
C LYS B 225 9.58 16.97 18.38
N GLN B 226 9.68 17.30 17.09
CA GLN B 226 10.93 17.03 16.32
C GLN B 226 11.89 18.22 16.26
N GLU B 227 13.14 17.95 15.88
CA GLU B 227 14.17 18.97 15.83
C GLU B 227 13.81 20.06 14.78
N ASP B 228 13.04 19.66 13.75
CA ASP B 228 12.64 20.60 12.70
C ASP B 228 11.21 21.13 12.83
N THR B 229 10.52 20.81 13.94
CA THR B 229 9.25 21.45 14.26
C THR B 229 9.49 22.94 14.53
N PRO B 230 8.90 23.82 13.71
CA PRO B 230 8.97 25.30 13.94
C PRO B 230 8.45 25.63 15.34
N GLU B 231 9.08 26.60 16.02
CA GLU B 231 8.72 26.81 17.44
C GLU B 231 7.23 27.04 17.66
N ASP B 232 6.58 27.76 16.72
CA ASP B 232 5.16 28.07 16.84
C ASP B 232 4.23 26.86 16.73
N LEU B 233 4.77 25.71 16.28
CA LEU B 233 3.98 24.47 16.20
C LEU B 233 4.41 23.41 17.23
N ARG B 234 5.27 23.78 18.19
CA ARG B 234 5.65 22.86 19.27
C ARG B 234 4.55 22.64 20.34
N ALA B 235 3.52 23.48 20.29
CA ALA B 235 2.28 23.26 21.08
C ALA B 235 1.06 23.78 20.31
N1 GSH C . -5.56 0.24 -2.41
CA1 GSH C . -6.71 -0.51 -2.87
C1 GSH C . -6.25 -1.92 -3.17
O11 GSH C . -7.05 -2.90 -3.20
O12 GSH C . -5.02 -2.12 -3.37
CB1 GSH C . -7.27 0.14 -4.14
CG1 GSH C . -8.58 -0.51 -4.60
CD1 GSH C . -9.20 0.26 -5.75
OE1 GSH C . -9.04 1.65 -5.87
N2 GSH C . -9.88 -0.46 -6.66
CA2 GSH C . -10.52 0.20 -7.81
C2 GSH C . -11.99 0.37 -7.58
O2 GSH C . -12.77 -0.66 -7.03
CB2 GSH C . -10.28 -0.63 -9.08
SG2 GSH C . -8.51 -0.88 -9.50
N3 GSH C . -12.56 1.52 -7.94
CA3 GSH C . -13.88 1.92 -7.50
C3 GSH C . -14.05 3.39 -7.78
O31 GSH C . -13.04 4.12 -8.01
O32 GSH C . -15.21 3.88 -7.76
S SO4 D . -7.55 1.31 -12.10
O1 SO4 D . -8.11 1.92 -10.92
O2 SO4 D . -7.72 2.13 -13.31
O3 SO4 D . -6.11 1.17 -11.93
O4 SO4 D . -8.18 0.00 -12.30
S SO4 E . 0.96 14.06 4.40
O1 SO4 E . 0.21 15.24 4.88
O2 SO4 E . 1.18 14.08 2.99
O3 SO4 E . 2.26 14.08 5.06
O4 SO4 E . 0.20 12.86 4.77
S SO4 F . 18.77 -7.15 17.97
O1 SO4 F . 18.22 -6.50 19.18
O2 SO4 F . 18.01 -6.74 16.77
O3 SO4 F . 20.18 -6.76 17.86
O4 SO4 F . 18.67 -8.58 18.18
#